data_3ZBF
#
_entry.id   3ZBF
#
_cell.length_a   106.854
_cell.length_b   106.854
_cell.length_c   50.357
_cell.angle_alpha   90.00
_cell.angle_beta   90.00
_cell.angle_gamma   120.00
#
_symmetry.space_group_name_H-M   'P 64'
#
loop_
_entity.id
_entity.type
_entity.pdbx_description
1 polymer 'PROTO-ONCOGENE TYROSINE-PROTEIN KINASE ROS'
2 non-polymer 3-[(1R)-1-(2,6-dichloro-3-fluorophenyl)ethoxy]-5-(1-piperidin-4-yl-1H-pyrazol-4-yl)pyridin-2-amine
3 water water
#
_entity_poly.entity_id   1
_entity_poly.type   'polypeptide(L)'
_entity_poly.pdbx_seq_one_letter_code
;MAHHHHHHDYGIPTTENLYFQGSIENLPAFPREKLTLRLLLGSGAFGEVYEGTAVDILGVGSGEIKVAVKTLKKGSTDQE
KIEFLKEAHLMSKFNHPNILKQLGVCLLNEPQYIILELMEGGDLLTYLRKARMATFYGPLLTLVDLVDLCVDISKGCVYL
ERMHFIHRDLAARNCLVSVKDYTSPRIVKIGDFGLARDIYKNDYYRKRGEGLLPVRWMAPESLMDGIFTTQSDVWSFGIL
IWEILTLGHQPYPAHSNLDVLNYVQTGGRLEPPRNCPDDLWNLMTQCWAQEPDQRPTFHRIQDQLQLFRNFFLNSIYKSR
DE
;
_entity_poly.pdbx_strand_id   A
#
# COMPACT_ATOMS: atom_id res chain seq x y z
N ILE A 24 23.07 16.55 -5.40
CA ILE A 24 23.38 15.32 -6.18
C ILE A 24 22.81 14.08 -5.49
N GLU A 25 22.00 13.32 -6.21
CA GLU A 25 21.16 12.28 -5.63
C GLU A 25 21.91 10.96 -5.38
N ASN A 26 22.15 10.65 -4.11
CA ASN A 26 22.90 9.46 -3.74
C ASN A 26 21.99 8.35 -3.23
N LEU A 27 22.09 7.19 -3.85
CA LEU A 27 21.44 5.98 -3.34
C LEU A 27 22.28 5.42 -2.18
N PRO A 28 21.62 4.87 -1.15
CA PRO A 28 22.33 4.37 0.03
C PRO A 28 23.12 3.10 -0.26
N ALA A 29 24.32 3.27 -0.78
CA ALA A 29 25.17 2.13 -1.09
C ALA A 29 25.37 1.31 0.16
N PHE A 30 25.14 0.01 0.08
CA PHE A 30 25.38 -0.84 1.23
C PHE A 30 26.33 -1.97 0.86
N PRO A 31 27.35 -2.20 1.70
CA PRO A 31 28.37 -3.22 1.47
C PRO A 31 27.76 -4.60 1.32
N ARG A 32 27.94 -5.18 0.14
CA ARG A 32 27.31 -6.45 -0.20
C ARG A 32 27.67 -7.55 0.78
N GLU A 33 28.94 -7.60 1.18
CA GLU A 33 29.42 -8.67 2.05
C GLU A 33 28.83 -8.52 3.45
N LYS A 34 28.32 -7.33 3.75
CA LYS A 34 27.65 -7.07 5.02
C LYS A 34 26.21 -7.56 4.98
N LEU A 35 25.66 -7.65 3.76
CA LEU A 35 24.33 -8.22 3.59
C LEU A 35 24.42 -9.74 3.57
N THR A 36 23.40 -10.39 4.10
CA THR A 36 23.33 -11.85 4.07
C THR A 36 21.92 -12.29 3.72
N LEU A 37 21.75 -12.90 2.54
CA LEU A 37 20.46 -13.43 2.14
C LEU A 37 20.17 -14.76 2.81
N ARG A 38 18.90 -15.13 2.88
CA ARG A 38 18.51 -16.37 3.56
C ARG A 38 17.30 -17.01 2.90
N LEU A 39 16.11 -16.55 3.27
CA LEU A 39 14.87 -17.19 2.84
C LEU A 39 14.27 -16.51 1.62
N LEU A 40 13.88 -17.31 0.62
CA LEU A 40 13.19 -16.80 -0.54
C LEU A 40 11.71 -16.61 -0.24
N LEU A 41 11.16 -15.44 -0.57
CA LEU A 41 9.77 -15.12 -0.25
C LEU A 41 8.83 -15.26 -1.44
N GLY A 42 9.28 -14.87 -2.62
CA GLY A 42 8.42 -14.95 -3.80
C GLY A 42 9.00 -14.31 -5.04
N SER A 43 8.14 -14.11 -6.05
CA SER A 43 8.55 -13.46 -7.28
C SER A 43 7.62 -12.31 -7.66
N GLY A 47 12.64 -9.44 -10.46
CA GLY A 47 11.77 -9.84 -9.37
C GLY A 47 12.25 -11.07 -8.63
N GLU A 48 12.31 -10.97 -7.30
CA GLU A 48 12.78 -12.05 -6.44
C GLU A 48 13.05 -11.47 -5.06
N VAL A 49 12.32 -11.93 -4.06
CA VAL A 49 12.36 -11.28 -2.75
C VAL A 49 12.85 -12.21 -1.66
N TYR A 50 13.90 -11.80 -0.96
CA TYR A 50 14.48 -12.62 0.09
C TYR A 50 14.37 -11.95 1.44
N GLU A 51 14.15 -12.74 2.47
CA GLU A 51 14.45 -12.32 3.83
C GLU A 51 15.96 -12.40 4.02
N GLY A 52 16.48 -11.60 4.95
CA GLY A 52 17.90 -11.63 5.20
C GLY A 52 18.27 -10.70 6.33
N THR A 53 19.57 -10.62 6.62
CA THR A 53 20.06 -9.71 7.64
C THR A 53 21.09 -8.77 7.03
N ALA A 54 21.28 -7.62 7.65
CA ALA A 54 22.22 -6.65 7.14
C ALA A 54 22.98 -6.02 8.29
N VAL A 55 24.26 -6.35 8.40
CA VAL A 55 25.07 -5.86 9.52
C VAL A 55 25.09 -4.34 9.50
N ASP A 56 24.57 -3.75 10.57
CA ASP A 56 24.66 -2.31 10.79
C ASP A 56 24.20 -1.47 9.60
N ILE A 57 22.89 -1.43 9.37
CA ILE A 57 22.30 -0.44 8.48
C ILE A 57 21.73 0.71 9.31
N LEU A 58 21.19 0.35 10.47
CA LEU A 58 20.50 1.30 11.34
C LEU A 58 21.45 1.89 12.38
N GLY A 59 22.74 1.97 12.04
CA GLY A 59 23.72 2.52 12.96
C GLY A 59 24.94 1.63 13.10
N VAL A 60 25.83 1.99 14.02
CA VAL A 60 27.09 1.28 14.20
C VAL A 60 26.96 0.10 15.15
N GLY A 61 26.15 0.27 16.19
CA GLY A 61 25.82 -0.83 17.07
C GLY A 61 24.53 -1.49 16.60
N SER A 62 24.13 -1.16 15.37
CA SER A 62 22.90 -1.66 14.78
C SER A 62 22.82 -3.18 14.87
N GLY A 63 23.97 -3.83 14.71
CA GLY A 63 23.99 -5.28 14.69
C GLY A 63 23.44 -5.79 13.36
N GLU A 64 23.14 -7.07 13.30
CA GLU A 64 22.61 -7.65 12.07
C GLU A 64 21.08 -7.61 12.03
N ILE A 65 20.56 -6.46 11.60
CA ILE A 65 19.11 -6.27 11.51
C ILE A 65 18.54 -7.07 10.36
N LYS A 66 17.29 -7.50 10.52
CA LYS A 66 16.59 -8.24 9.48
C LYS A 66 16.05 -7.29 8.41
N VAL A 67 16.09 -7.73 7.16
CA VAL A 67 15.65 -6.91 6.04
C VAL A 67 14.98 -7.76 4.97
N ALA A 68 14.32 -7.10 4.02
CA ALA A 68 13.88 -7.77 2.79
C ALA A 68 14.78 -7.31 1.65
N VAL A 69 14.91 -8.15 0.62
CA VAL A 69 15.82 -7.85 -0.48
C VAL A 69 15.17 -8.07 -1.83
N LYS A 70 15.05 -6.99 -2.60
CA LYS A 70 14.48 -7.07 -3.95
C LYS A 70 15.63 -7.17 -4.95
N THR A 71 15.60 -8.18 -5.81
CA THR A 71 16.72 -8.42 -6.71
C THR A 71 16.31 -8.26 -8.17
N LEU A 72 17.18 -7.64 -8.95
CA LEU A 72 16.96 -7.52 -10.38
C LEU A 72 17.69 -8.64 -11.09
N LYS A 73 17.03 -9.24 -12.07
CA LYS A 73 17.53 -10.46 -12.69
C LYS A 73 18.94 -10.33 -13.23
N LYS A 74 19.71 -11.40 -13.05
CA LYS A 74 20.85 -11.67 -13.93
C LYS A 74 20.26 -12.21 -15.22
N GLY A 75 20.28 -11.40 -16.27
CA GLY A 75 19.57 -11.76 -17.48
C GLY A 75 18.12 -11.32 -17.42
N SER A 76 17.91 -10.01 -17.44
CA SER A 76 16.57 -9.44 -17.55
C SER A 76 16.56 -8.41 -18.65
N THR A 77 15.39 -7.88 -18.97
CA THR A 77 15.29 -6.83 -19.97
C THR A 77 15.96 -5.58 -19.41
N ASP A 78 16.48 -4.73 -20.29
CA ASP A 78 17.18 -3.53 -19.86
C ASP A 78 16.19 -2.45 -19.41
N GLN A 79 14.95 -2.59 -19.84
CA GLN A 79 13.89 -1.70 -19.42
C GLN A 79 13.37 -2.15 -18.06
N GLU A 80 13.72 -3.37 -17.68
CA GLU A 80 13.49 -3.85 -16.33
C GLU A 80 14.50 -3.20 -15.39
N LYS A 81 15.75 -3.11 -15.83
CA LYS A 81 16.81 -2.48 -15.05
C LYS A 81 16.53 -0.99 -14.89
N ILE A 82 15.92 -0.40 -15.90
CA ILE A 82 15.59 1.02 -15.86
C ILE A 82 14.45 1.28 -14.88
N GLU A 83 13.41 0.45 -14.94
CA GLU A 83 12.36 0.51 -13.95
C GLU A 83 12.93 0.24 -12.56
N PHE A 84 13.85 -0.71 -12.49
CA PHE A 84 14.48 -1.08 -11.22
C PHE A 84 15.14 0.16 -10.61
N LEU A 85 15.99 0.83 -11.38
CA LEU A 85 16.69 2.00 -10.88
C LEU A 85 15.74 3.14 -10.59
N LYS A 86 14.76 3.34 -11.45
CA LYS A 86 13.87 4.48 -11.28
C LYS A 86 13.08 4.35 -9.99
N GLU A 87 12.68 3.12 -9.66
CA GLU A 87 12.04 2.84 -8.38
C GLU A 87 13.00 3.16 -7.24
N ALA A 88 14.21 2.61 -7.32
CA ALA A 88 15.20 2.81 -6.28
C ALA A 88 15.40 4.29 -5.99
N HIS A 89 15.46 5.08 -7.06
CA HIS A 89 15.63 6.52 -6.93
C HIS A 89 14.40 7.18 -6.32
N LEU A 90 13.23 6.74 -6.76
CA LEU A 90 11.98 7.33 -6.32
C LEU A 90 11.82 7.23 -4.81
N MET A 91 12.08 6.06 -4.26
CA MET A 91 11.89 5.84 -2.83
C MET A 91 13.00 6.42 -1.97
N SER A 92 14.14 6.71 -2.59
CA SER A 92 15.21 7.44 -1.89
C SER A 92 14.66 8.76 -1.37
N LYS A 93 13.65 9.27 -2.06
CA LYS A 93 13.11 10.58 -1.78
C LYS A 93 12.26 10.63 -0.51
N PHE A 94 11.72 9.49 -0.09
CA PHE A 94 10.67 9.50 0.92
C PHE A 94 11.17 9.33 2.33
N ASN A 95 10.52 10.01 3.27
CA ASN A 95 10.75 9.77 4.68
C ASN A 95 9.45 9.96 5.45
N HIS A 96 8.74 8.86 5.68
CA HIS A 96 7.46 8.92 6.36
C HIS A 96 7.13 7.56 6.98
N PRO A 97 6.61 7.57 8.21
CA PRO A 97 6.22 6.36 8.95
C PRO A 97 5.36 5.37 8.17
N ASN A 98 4.59 5.87 7.22
CA ASN A 98 3.70 4.97 6.49
C ASN A 98 4.15 4.79 5.04
N ILE A 99 5.43 5.00 4.82
CA ILE A 99 6.05 4.76 3.52
C ILE A 99 7.23 3.81 3.77
N LEU A 100 7.27 2.72 3.02
CA LEU A 100 8.29 1.69 3.22
C LEU A 100 9.69 2.31 3.08
N LYS A 101 10.57 2.01 4.04
CA LYS A 101 11.96 2.46 3.96
C LYS A 101 12.80 1.60 3.01
N GLN A 102 13.45 2.25 2.05
CA GLN A 102 14.56 1.64 1.32
C GLN A 102 15.82 1.93 2.11
N LEU A 103 16.45 0.88 2.65
CA LEU A 103 17.57 1.06 3.57
C LEU A 103 18.93 1.08 2.86
N GLY A 104 19.11 0.19 1.88
CA GLY A 104 20.34 0.19 1.11
C GLY A 104 20.14 -0.30 -0.31
N VAL A 105 21.22 -0.27 -1.10
CA VAL A 105 21.22 -0.83 -2.45
C VAL A 105 22.57 -1.51 -2.72
N CYS A 106 22.56 -2.55 -3.54
CA CYS A 106 23.80 -3.17 -4.02
C CYS A 106 23.76 -3.15 -5.53
N LEU A 107 24.38 -2.13 -6.12
CA LEU A 107 24.17 -1.83 -7.52
C LEU A 107 25.39 -2.08 -8.38
N LEU A 108 26.57 -2.10 -7.76
CA LEU A 108 27.81 -2.24 -8.52
C LEU A 108 28.04 -3.66 -9.04
N ASN A 109 27.36 -4.65 -8.47
CA ASN A 109 27.38 -6.01 -9.01
C ASN A 109 25.96 -6.49 -9.32
N GLU A 110 25.86 -7.47 -10.21
CA GLU A 110 24.58 -8.13 -10.47
C GLU A 110 24.56 -9.50 -9.76
N PRO A 111 23.41 -9.88 -9.17
CA PRO A 111 22.17 -9.11 -9.23
C PRO A 111 22.23 -7.85 -8.37
N GLN A 112 21.61 -6.79 -8.86
CA GLN A 112 21.43 -5.61 -8.03
C GLN A 112 20.53 -6.01 -6.88
N TYR A 113 20.77 -5.44 -5.72
CA TYR A 113 19.90 -5.64 -4.57
C TYR A 113 19.30 -4.29 -4.19
N ILE A 114 17.99 -4.29 -3.91
CA ILE A 114 17.34 -3.19 -3.21
C ILE A 114 17.07 -3.69 -1.81
N ILE A 115 17.57 -2.99 -0.80
CA ILE A 115 17.40 -3.47 0.57
C ILE A 115 16.30 -2.70 1.29
N LEU A 116 15.23 -3.40 1.64
CA LEU A 116 14.06 -2.78 2.24
C LEU A 116 13.88 -3.25 3.68
N GLU A 117 13.40 -2.37 4.54
CA GLU A 117 13.05 -2.78 5.89
C GLU A 117 12.08 -3.94 5.77
N LEU A 118 12.20 -4.91 6.66
CA LEU A 118 11.38 -6.11 6.58
C LEU A 118 10.01 -5.85 7.20
N MET A 119 8.96 -6.27 6.51
CA MET A 119 7.60 -6.15 7.01
C MET A 119 7.04 -7.56 7.19
N GLU A 120 7.08 -8.06 8.42
CA GLU A 120 6.90 -9.50 8.63
C GLU A 120 5.47 -10.00 8.38
N GLY A 121 4.52 -9.08 8.29
CA GLY A 121 3.16 -9.47 7.98
C GLY A 121 2.89 -9.73 6.51
N GLY A 122 3.87 -9.47 5.65
CA GLY A 122 3.63 -9.64 4.23
C GLY A 122 2.77 -8.51 3.70
N ASP A 123 2.15 -8.72 2.54
CA ASP A 123 1.38 -7.65 1.93
C ASP A 123 0.04 -7.53 2.64
N LEU A 124 -0.56 -6.34 2.55
CA LEU A 124 -1.79 -6.07 3.27
C LEU A 124 -2.87 -7.11 2.90
N LEU A 125 -3.01 -7.39 1.61
CA LEU A 125 -4.12 -8.19 1.12
C LEU A 125 -4.12 -9.60 1.70
N THR A 126 -2.93 -10.21 1.76
CA THR A 126 -2.76 -11.51 2.39
C THR A 126 -3.04 -11.42 3.89
N TYR A 127 -2.59 -10.34 4.51
CA TYR A 127 -2.73 -10.20 5.96
C TYR A 127 -4.22 -10.14 6.29
N LEU A 128 -4.96 -9.36 5.51
CA LEU A 128 -6.40 -9.26 5.66
C LEU A 128 -7.13 -10.60 5.46
N ARG A 129 -6.78 -11.32 4.42
CA ARG A 129 -7.50 -12.55 4.12
C ARG A 129 -7.24 -13.64 5.16
N LYS A 130 -6.03 -13.69 5.69
CA LYS A 130 -5.73 -14.65 6.73
C LYS A 130 -6.55 -14.31 7.97
N ALA A 131 -6.71 -13.02 8.23
CA ALA A 131 -7.49 -12.56 9.37
C ALA A 131 -8.93 -13.05 9.23
N ARG A 132 -9.47 -12.97 8.02
CA ARG A 132 -10.87 -13.36 7.78
C ARG A 132 -11.08 -14.85 7.90
N MET A 133 -10.08 -15.63 7.53
CA MET A 133 -10.26 -17.06 7.32
C MET A 133 -9.73 -17.98 8.43
N ALA A 134 -9.18 -17.39 9.49
CA ALA A 134 -8.60 -18.19 10.57
C ALA A 134 -9.61 -18.97 11.44
N THR A 135 -10.69 -18.32 11.86
CA THR A 135 -11.74 -18.99 12.65
C THR A 135 -13.09 -18.34 12.40
N PHE A 136 -14.10 -19.17 12.15
CA PHE A 136 -15.44 -18.63 12.00
C PHE A 136 -16.04 -18.26 13.36
N TYR A 137 -15.25 -18.37 14.42
CA TYR A 137 -15.55 -17.63 15.65
C TYR A 137 -15.51 -16.14 15.27
N GLY A 138 -14.70 -15.83 14.26
CA GLY A 138 -14.74 -14.53 13.63
C GLY A 138 -13.37 -14.01 13.21
N PRO A 139 -13.32 -12.82 12.59
CA PRO A 139 -12.10 -12.18 12.09
C PRO A 139 -11.08 -11.94 13.19
N LEU A 140 -9.82 -12.02 12.82
CA LEU A 140 -8.72 -11.73 13.74
C LEU A 140 -8.43 -10.23 13.78
N LEU A 141 -9.17 -9.45 13.01
CA LEU A 141 -9.02 -7.99 12.97
C LEU A 141 -10.40 -7.39 13.26
N THR A 142 -10.48 -6.44 14.19
CA THR A 142 -11.77 -5.84 14.53
C THR A 142 -11.94 -4.53 13.76
N LEU A 143 -13.14 -3.96 13.83
CA LEU A 143 -13.38 -2.70 13.15
C LEU A 143 -12.32 -1.66 13.52
N VAL A 144 -11.93 -1.61 14.78
CA VAL A 144 -10.95 -0.61 15.20
C VAL A 144 -9.55 -0.88 14.65
N ASP A 145 -9.17 -2.14 14.57
CA ASP A 145 -7.93 -2.51 13.89
C ASP A 145 -8.03 -1.97 12.45
N LEU A 146 -9.17 -2.20 11.82
CA LEU A 146 -9.29 -1.94 10.39
C LEU A 146 -9.29 -0.44 10.10
N VAL A 147 -9.90 0.33 11.01
CA VAL A 147 -9.87 1.78 10.92
C VAL A 147 -8.46 2.36 11.06
N ASP A 148 -7.69 1.81 11.98
CA ASP A 148 -6.30 2.22 12.17
C ASP A 148 -5.45 1.96 10.93
N LEU A 149 -5.69 0.83 10.26
CA LEU A 149 -5.08 0.55 8.96
C LEU A 149 -5.40 1.67 7.99
N CYS A 150 -6.67 2.06 7.94
CA CYS A 150 -7.11 3.09 7.00
C CYS A 150 -6.44 4.41 7.31
N VAL A 151 -6.43 4.79 8.58
CA VAL A 151 -5.75 5.99 9.01
C VAL A 151 -4.28 6.01 8.60
N ASP A 152 -3.57 4.91 8.85
CA ASP A 152 -2.16 4.80 8.45
C ASP A 152 -1.93 5.07 6.98
N ILE A 153 -2.62 4.33 6.12
CA ILE A 153 -2.45 4.49 4.68
C ILE A 153 -2.82 5.91 4.24
N SER A 154 -3.79 6.51 4.92
CA SER A 154 -4.24 7.84 4.56
C SER A 154 -3.17 8.87 4.90
N LYS A 155 -2.50 8.68 6.04
CA LYS A 155 -1.37 9.54 6.40
C LYS A 155 -0.25 9.46 5.35
N GLY A 156 -0.11 8.29 4.73
CA GLY A 156 0.91 8.12 3.73
C GLY A 156 0.57 8.76 2.39
N CYS A 157 -0.71 8.80 2.06
CA CYS A 157 -1.15 9.43 0.82
C CYS A 157 -1.06 10.95 0.92
N VAL A 158 -1.37 11.47 2.10
CA VAL A 158 -1.18 12.88 2.41
C VAL A 158 0.29 13.25 2.23
N TYR A 159 1.18 12.33 2.57
CA TYR A 159 2.60 12.61 2.44
C TYR A 159 2.98 12.63 0.97
N LEU A 160 2.63 11.55 0.27
CA LEU A 160 2.91 11.46 -1.16
C LEU A 160 2.44 12.69 -1.91
N GLU A 161 1.26 13.19 -1.57
CA GLU A 161 0.68 14.37 -2.22
C GLU A 161 1.45 15.64 -1.88
N ARG A 162 1.83 15.77 -0.62
CA ARG A 162 2.68 16.88 -0.18
C ARG A 162 4.00 16.89 -0.97
N MET A 163 4.41 15.71 -1.44
CA MET A 163 5.67 15.56 -2.16
C MET A 163 5.44 15.54 -3.67
N HIS A 164 4.21 15.86 -4.07
CA HIS A 164 3.84 16.03 -5.48
C HIS A 164 4.02 14.75 -6.27
N PHE A 165 3.79 13.62 -5.59
CA PHE A 165 3.79 12.34 -6.27
C PHE A 165 2.40 11.74 -6.33
N ILE A 166 2.09 11.11 -7.46
CA ILE A 166 0.89 10.33 -7.64
C ILE A 166 1.30 8.87 -7.68
N HIS A 167 0.55 8.00 -7.00
CA HIS A 167 0.98 6.61 -6.85
C HIS A 167 0.51 5.76 -8.03
N ARG A 168 -0.75 5.95 -8.41
CA ARG A 168 -1.34 5.31 -9.59
C ARG A 168 -1.63 3.83 -9.45
N ASP A 169 -1.47 3.28 -8.25
CA ASP A 169 -1.67 1.83 -8.08
C ASP A 169 -1.92 1.47 -6.62
N LEU A 170 -2.57 2.39 -5.91
CA LEU A 170 -3.03 2.13 -4.54
C LEU A 170 -3.88 0.87 -4.54
N ALA A 171 -3.61 -0.03 -3.59
CA ALA A 171 -4.24 -1.34 -3.53
C ALA A 171 -3.60 -2.08 -2.36
N ALA A 172 -4.38 -2.91 -1.65
CA ALA A 172 -3.84 -3.61 -0.48
C ALA A 172 -2.65 -4.49 -0.84
N ARG A 173 -2.64 -5.08 -2.04
CA ARG A 173 -1.53 -5.93 -2.46
C ARG A 173 -0.22 -5.13 -2.47
N ASN A 174 -0.34 -3.80 -2.50
CA ASN A 174 0.82 -2.92 -2.62
C ASN A 174 1.24 -2.28 -1.31
N CYS A 175 0.57 -2.65 -0.22
CA CYS A 175 0.92 -2.19 1.12
C CYS A 175 1.42 -3.36 1.96
N LEU A 176 2.21 -3.06 2.98
CA LEU A 176 2.86 -4.07 3.79
C LEU A 176 2.56 -3.86 5.26
N VAL A 177 2.49 -4.95 6.01
CA VAL A 177 2.14 -4.92 7.42
C VAL A 177 3.34 -5.37 8.22
N SER A 178 3.57 -4.73 9.36
CA SER A 178 4.85 -4.82 10.04
C SER A 178 5.01 -6.10 10.88
N VAL A 179 3.90 -6.71 11.27
CA VAL A 179 3.94 -7.92 12.09
C VAL A 179 3.07 -9.00 11.46
N LYS A 180 3.44 -10.25 11.68
CA LYS A 180 2.71 -11.40 11.14
C LYS A 180 1.48 -11.73 11.97
N ASP A 181 1.57 -11.47 13.26
CA ASP A 181 0.51 -11.86 14.20
C ASP A 181 -0.60 -10.82 14.26
N TYR A 182 -1.72 -11.19 14.88
CA TYR A 182 -2.84 -10.29 14.98
C TYR A 182 -3.03 -9.69 16.36
N THR A 183 -2.07 -9.92 17.26
CA THR A 183 -2.15 -9.32 18.60
C THR A 183 -1.23 -8.12 18.80
N SER A 184 -0.02 -8.16 18.25
CA SER A 184 0.98 -7.12 18.51
C SER A 184 0.61 -5.82 17.81
N PRO A 185 1.10 -4.69 18.33
CA PRO A 185 0.92 -3.41 17.65
C PRO A 185 1.44 -3.52 16.21
N ARG A 186 0.66 -3.01 15.27
CA ARG A 186 0.99 -3.17 13.85
C ARG A 186 1.01 -1.83 13.13
N ILE A 187 1.82 -1.74 12.08
CA ILE A 187 1.74 -0.60 11.18
C ILE A 187 1.76 -1.04 9.71
N VAL A 188 0.99 -0.33 8.90
CA VAL A 188 0.92 -0.60 7.47
C VAL A 188 1.62 0.54 6.74
N LYS A 189 2.29 0.20 5.66
CA LYS A 189 2.98 1.21 4.87
C LYS A 189 2.70 0.94 3.41
N ILE A 190 2.62 2.01 2.63
CA ILE A 190 2.60 1.86 1.18
C ILE A 190 3.99 1.39 0.76
N GLY A 191 4.04 0.44 -0.15
CA GLY A 191 5.21 -0.39 -0.22
C GLY A 191 5.82 -0.52 -1.59
N ASP A 192 4.97 -0.60 -2.61
CA ASP A 192 5.44 -0.78 -3.97
C ASP A 192 5.09 0.46 -4.79
N PHE A 193 6.11 1.07 -5.38
CA PHE A 193 5.92 2.33 -6.09
C PHE A 193 6.28 2.18 -7.56
N GLY A 194 6.05 0.99 -8.10
CA GLY A 194 6.48 0.69 -9.46
C GLY A 194 5.84 1.53 -10.55
N LEU A 195 4.73 2.19 -10.22
CA LEU A 195 4.01 2.99 -11.21
C LEU A 195 3.84 4.44 -10.81
N ALA A 196 4.44 4.83 -9.69
CA ALA A 196 4.31 6.20 -9.21
C ALA A 196 5.04 7.16 -10.13
N ARG A 197 4.51 8.37 -10.25
CA ARG A 197 5.14 9.41 -11.06
C ARG A 197 5.08 10.75 -10.35
N ASP A 198 6.10 11.57 -10.56
CA ASP A 198 6.11 12.93 -10.03
C ASP A 198 5.21 13.81 -10.88
N ILE A 199 4.39 14.63 -10.22
CA ILE A 199 3.43 15.49 -10.91
C ILE A 199 3.59 16.96 -10.54
N TYR A 200 4.79 17.31 -10.10
CA TYR A 200 5.11 18.68 -9.71
C TYR A 200 5.18 19.59 -10.94
N LEU A 213 -5.05 -5.94 -13.44
CA LEU A 213 -5.35 -5.32 -14.73
C LEU A 213 -4.96 -3.85 -14.79
N PRO A 214 -4.98 -3.16 -13.64
CA PRO A 214 -5.79 -3.47 -12.45
C PRO A 214 -7.09 -2.67 -12.53
N VAL A 215 -7.99 -3.10 -13.40
CA VAL A 215 -9.11 -2.26 -13.78
C VAL A 215 -10.03 -1.97 -12.59
N ARG A 216 -10.12 -2.92 -11.67
CA ARG A 216 -11.03 -2.83 -10.53
C ARG A 216 -10.66 -1.69 -9.59
N TRP A 217 -9.43 -1.18 -9.69
CA TRP A 217 -8.99 -0.10 -8.82
C TRP A 217 -8.89 1.24 -9.51
N MET A 218 -9.14 1.26 -10.81
CA MET A 218 -8.87 2.45 -11.62
C MET A 218 -10.11 3.32 -11.77
N ALA A 219 -9.93 4.62 -11.59
CA ALA A 219 -11.02 5.57 -11.84
C ALA A 219 -11.48 5.44 -13.31
N PRO A 220 -12.71 5.90 -13.60
CA PRO A 220 -13.24 5.79 -14.96
C PRO A 220 -12.48 6.62 -15.99
N GLU A 221 -12.00 7.80 -15.58
CA GLU A 221 -11.16 8.63 -16.44
C GLU A 221 -9.94 7.83 -16.86
N SER A 222 -9.23 7.29 -15.87
CA SER A 222 -7.99 6.58 -16.13
C SER A 222 -8.22 5.47 -17.14
N LEU A 223 -9.40 4.85 -17.07
CA LEU A 223 -9.70 3.72 -17.94
C LEU A 223 -10.08 4.12 -19.37
N MET A 224 -10.76 5.26 -19.52
CA MET A 224 -11.16 5.69 -20.85
C MET A 224 -10.07 6.52 -21.52
N ASP A 225 -9.40 7.36 -20.74
CA ASP A 225 -8.54 8.39 -21.31
C ASP A 225 -7.07 8.24 -20.91
N GLY A 226 -6.77 7.23 -20.09
CA GLY A 226 -5.41 7.04 -19.63
C GLY A 226 -4.92 8.17 -18.75
N ILE A 227 -5.83 8.95 -18.18
CA ILE A 227 -5.43 10.09 -17.37
C ILE A 227 -5.35 9.71 -15.89
N PHE A 228 -4.24 10.04 -15.25
CA PHE A 228 -4.06 9.79 -13.84
C PHE A 228 -3.75 11.07 -13.08
N THR A 229 -4.30 11.20 -11.88
CA THR A 229 -4.09 12.39 -11.06
C THR A 229 -4.13 12.01 -9.58
N THR A 230 -3.92 13.00 -8.73
CA THR A 230 -4.09 12.81 -7.30
C THR A 230 -5.55 12.55 -6.97
N GLN A 231 -6.45 12.99 -7.83
CA GLN A 231 -7.88 12.75 -7.66
C GLN A 231 -8.26 11.34 -8.08
N SER A 232 -7.50 10.74 -9.00
CA SER A 232 -7.72 9.33 -9.32
C SER A 232 -7.10 8.46 -8.23
N ASP A 233 -6.08 8.97 -7.56
CA ASP A 233 -5.49 8.28 -6.42
C ASP A 233 -6.55 8.17 -5.31
N VAL A 234 -7.39 9.19 -5.17
CA VAL A 234 -8.46 9.14 -4.19
C VAL A 234 -9.50 8.06 -4.53
N TRP A 235 -9.72 7.84 -5.81
CA TRP A 235 -10.67 6.81 -6.23
C TRP A 235 -10.15 5.43 -5.82
N SER A 236 -8.84 5.22 -5.98
CA SER A 236 -8.25 3.92 -5.73
C SER A 236 -8.09 3.70 -4.23
N PHE A 237 -7.87 4.78 -3.49
CA PHE A 237 -7.82 4.71 -2.05
C PHE A 237 -9.19 4.27 -1.51
N GLY A 238 -10.27 4.74 -2.13
CA GLY A 238 -11.60 4.36 -1.69
C GLY A 238 -11.83 2.89 -1.94
N ILE A 239 -11.33 2.39 -3.06
CA ILE A 239 -11.33 0.97 -3.31
C ILE A 239 -10.44 0.27 -2.28
N LEU A 240 -9.40 0.96 -1.82
CA LEU A 240 -8.46 0.33 -0.92
C LEU A 240 -9.10 0.10 0.44
N ILE A 241 -9.76 1.12 0.98
CA ILE A 241 -10.33 0.96 2.30
C ILE A 241 -11.54 0.04 2.24
N TRP A 242 -12.14 -0.11 1.06
CA TRP A 242 -13.16 -1.12 0.85
C TRP A 242 -12.55 -2.51 0.97
N GLU A 243 -11.34 -2.68 0.45
CA GLU A 243 -10.62 -3.95 0.60
C GLU A 243 -10.30 -4.22 2.07
N ILE A 244 -9.90 -3.18 2.79
CA ILE A 244 -9.63 -3.32 4.21
C ILE A 244 -10.90 -3.72 4.96
N LEU A 245 -11.98 -2.98 4.73
CA LEU A 245 -13.22 -3.23 5.47
C LEU A 245 -13.95 -4.51 5.08
N THR A 246 -13.61 -5.11 3.94
CA THR A 246 -14.14 -6.44 3.62
C THR A 246 -13.13 -7.53 3.92
N LEU A 247 -12.02 -7.19 4.55
CA LEU A 247 -10.95 -8.16 4.80
C LEU A 247 -10.46 -8.82 3.50
N GLY A 248 -10.21 -8.01 2.48
CA GLY A 248 -9.51 -8.48 1.30
C GLY A 248 -10.39 -9.21 0.30
N HIS A 249 -11.63 -8.75 0.14
CA HIS A 249 -12.49 -9.31 -0.89
C HIS A 249 -12.12 -8.71 -2.23
N GLN A 250 -12.50 -9.41 -3.29
CA GLN A 250 -12.33 -8.94 -4.66
C GLN A 250 -13.39 -7.91 -5.04
N PRO A 251 -12.97 -6.70 -5.42
CA PRO A 251 -13.93 -5.68 -5.87
C PRO A 251 -14.75 -6.21 -7.04
N TYR A 252 -16.02 -5.82 -7.09
CA TYR A 252 -16.93 -6.25 -8.15
C TYR A 252 -16.87 -7.74 -8.41
N PRO A 253 -17.16 -8.55 -7.37
CA PRO A 253 -17.10 -10.01 -7.57
C PRO A 253 -18.05 -10.46 -8.68
N ALA A 254 -19.12 -9.71 -8.87
CA ALA A 254 -20.14 -10.08 -9.84
C ALA A 254 -19.70 -9.85 -11.29
N HIS A 255 -18.55 -9.21 -11.48
CA HIS A 255 -18.18 -8.73 -12.80
C HIS A 255 -16.80 -9.16 -13.30
N SER A 256 -16.79 -9.75 -14.48
CA SER A 256 -15.55 -10.11 -15.16
C SER A 256 -14.80 -8.82 -15.49
N ASN A 257 -13.50 -8.95 -15.73
CA ASN A 257 -12.65 -7.81 -16.05
C ASN A 257 -13.29 -6.96 -17.14
N LEU A 258 -13.67 -7.61 -18.24
CA LEU A 258 -14.30 -6.91 -19.36
C LEU A 258 -15.53 -6.15 -18.90
N ASP A 259 -16.34 -6.79 -18.06
CA ASP A 259 -17.62 -6.22 -17.67
C ASP A 259 -17.50 -5.06 -16.71
N VAL A 260 -16.39 -4.99 -15.98
CA VAL A 260 -16.19 -3.97 -14.96
C VAL A 260 -16.42 -2.54 -15.46
N LEU A 261 -15.78 -2.15 -16.55
CA LEU A 261 -15.92 -0.78 -17.06
C LEU A 261 -17.35 -0.51 -17.50
N ASN A 262 -18.01 -1.54 -18.03
CA ASN A 262 -19.43 -1.44 -18.30
C ASN A 262 -20.15 -1.03 -17.01
N TYR A 263 -19.89 -1.76 -15.94
CA TYR A 263 -20.64 -1.58 -14.70
C TYR A 263 -20.41 -0.19 -14.12
N VAL A 264 -19.14 0.19 -13.99
CA VAL A 264 -18.84 1.53 -13.53
C VAL A 264 -19.52 2.54 -14.44
N GLN A 265 -19.46 2.28 -15.74
CA GLN A 265 -20.09 3.16 -16.73
C GLN A 265 -21.55 3.42 -16.36
N THR A 266 -22.26 2.35 -16.03
CA THR A 266 -23.63 2.42 -15.53
C THR A 266 -23.77 3.44 -14.40
N GLY A 267 -22.63 3.88 -13.87
CA GLY A 267 -22.64 4.62 -12.62
C GLY A 267 -22.75 3.65 -11.46
N GLY A 268 -22.55 2.37 -11.76
CA GLY A 268 -22.60 1.36 -10.71
C GLY A 268 -21.33 1.39 -9.89
N ARG A 269 -21.44 1.01 -8.62
CA ARG A 269 -20.30 0.99 -7.71
C ARG A 269 -20.33 -0.24 -6.81
N LEU A 270 -19.30 -0.39 -5.99
CA LEU A 270 -19.20 -1.54 -5.10
C LEU A 270 -20.40 -1.59 -4.14
N GLU A 271 -20.71 -2.77 -3.64
CA GLU A 271 -21.70 -2.88 -2.57
C GLU A 271 -21.01 -2.52 -1.26
N PRO A 272 -21.76 -1.96 -0.29
CA PRO A 272 -21.16 -1.71 1.02
C PRO A 272 -20.62 -2.98 1.65
N PRO A 273 -19.47 -2.90 2.34
CA PRO A 273 -19.01 -4.05 3.11
C PRO A 273 -20.11 -4.40 4.12
N ARG A 274 -20.21 -5.66 4.50
CA ARG A 274 -21.23 -6.06 5.47
C ARG A 274 -21.07 -5.28 6.78
N ASN A 275 -22.17 -4.71 7.26
CA ASN A 275 -22.19 -3.98 8.53
C ASN A 275 -21.17 -2.86 8.59
N CYS A 276 -20.92 -2.23 7.44
CA CYS A 276 -20.04 -1.08 7.38
C CYS A 276 -20.69 0.12 8.06
N PRO A 277 -19.95 0.80 8.94
CA PRO A 277 -20.48 2.00 9.59
C PRO A 277 -20.80 3.08 8.56
N ASP A 278 -21.89 3.79 8.77
CA ASP A 278 -22.44 4.67 7.76
C ASP A 278 -21.48 5.81 7.42
N ASP A 279 -20.78 6.34 8.43
CA ASP A 279 -19.77 7.37 8.18
C ASP A 279 -18.68 6.89 7.23
N LEU A 280 -18.31 5.61 7.31
CA LEU A 280 -17.25 5.10 6.47
C LEU A 280 -17.77 4.84 5.05
N TRP A 281 -19.02 4.43 4.94
CA TRP A 281 -19.61 4.21 3.64
C TRP A 281 -19.75 5.53 2.89
N ASN A 282 -20.15 6.57 3.62
CA ASN A 282 -20.26 7.89 3.03
C ASN A 282 -18.90 8.34 2.49
N LEU A 283 -17.84 8.07 3.25
CA LEU A 283 -16.51 8.49 2.84
C LEU A 283 -16.11 7.81 1.53
N MET A 284 -16.29 6.50 1.45
CA MET A 284 -15.90 5.75 0.26
C MET A 284 -16.69 6.24 -0.94
N THR A 285 -18.02 6.21 -0.80
CA THR A 285 -18.91 6.70 -1.85
C THR A 285 -18.45 8.05 -2.38
N GLN A 286 -17.99 8.93 -1.50
CA GLN A 286 -17.52 10.25 -1.91
C GLN A 286 -16.19 10.15 -2.68
N CYS A 287 -15.36 9.18 -2.32
CA CYS A 287 -14.12 8.91 -3.05
C CYS A 287 -14.38 8.47 -4.48
N TRP A 288 -15.50 7.78 -4.72
CA TRP A 288 -15.82 7.34 -6.06
C TRP A 288 -16.88 8.22 -6.76
N ALA A 289 -16.89 9.51 -6.46
CA ALA A 289 -17.67 10.46 -7.27
C ALA A 289 -17.23 10.32 -8.72
N GLN A 290 -18.19 10.16 -9.62
CA GLN A 290 -17.87 10.02 -11.05
C GLN A 290 -17.08 11.23 -11.55
N GLU A 291 -17.26 12.37 -10.91
CA GLU A 291 -16.52 13.57 -11.29
C GLU A 291 -15.38 13.85 -10.31
N PRO A 292 -14.15 13.93 -10.82
CA PRO A 292 -12.90 14.04 -10.06
C PRO A 292 -12.82 15.19 -9.05
N ASP A 293 -13.47 16.31 -9.34
CA ASP A 293 -13.38 17.46 -8.44
C ASP A 293 -14.40 17.40 -7.29
N GLN A 294 -15.29 16.42 -7.32
CA GLN A 294 -16.21 16.22 -6.20
C GLN A 294 -15.68 15.16 -5.23
N ARG A 295 -14.54 14.57 -5.58
CA ARG A 295 -13.84 13.67 -4.67
C ARG A 295 -13.17 14.50 -3.57
N PRO A 296 -13.19 13.99 -2.33
CA PRO A 296 -12.54 14.67 -1.20
C PRO A 296 -11.04 14.68 -1.36
N THR A 297 -10.35 15.50 -0.56
CA THR A 297 -8.90 15.53 -0.57
C THR A 297 -8.33 14.61 0.53
N PHE A 298 -7.06 14.26 0.39
CA PHE A 298 -6.44 13.35 1.36
C PHE A 298 -6.39 13.91 2.78
N HIS A 299 -6.24 15.22 2.92
CA HIS A 299 -6.35 15.85 4.23
C HIS A 299 -7.75 15.58 4.77
N ARG A 300 -8.74 15.83 3.93
CA ARG A 300 -10.14 15.64 4.30
C ARG A 300 -10.35 14.17 4.64
N ILE A 301 -9.81 13.29 3.80
CA ILE A 301 -9.94 11.87 4.03
C ILE A 301 -9.36 11.45 5.36
N GLN A 302 -8.19 11.98 5.71
CA GLN A 302 -7.60 11.65 7.00
C GLN A 302 -8.41 12.27 8.13
N ASP A 303 -8.90 13.48 7.91
CA ASP A 303 -9.77 14.13 8.89
C ASP A 303 -10.95 13.21 9.19
N GLN A 304 -11.64 12.80 8.13
CA GLN A 304 -12.83 11.97 8.27
C GLN A 304 -12.54 10.73 9.09
N LEU A 305 -11.39 10.11 8.80
CA LEU A 305 -11.04 8.84 9.44
C LEU A 305 -10.78 9.00 10.92
N GLN A 306 -10.02 10.02 11.30
CA GLN A 306 -9.76 10.27 12.71
C GLN A 306 -11.00 10.74 13.49
N LEU A 307 -11.80 11.59 12.86
CA LEU A 307 -13.07 12.00 13.44
C LEU A 307 -13.97 10.80 13.69
N PHE A 308 -14.12 9.93 12.69
CA PHE A 308 -14.91 8.73 12.94
C PHE A 308 -14.32 7.89 14.06
N ARG A 309 -13.00 7.72 14.05
CA ARG A 309 -12.35 6.86 15.04
C ARG A 309 -12.62 7.43 16.44
N ASN A 310 -12.41 8.73 16.58
CA ASN A 310 -12.75 9.44 17.82
C ASN A 310 -14.17 9.13 18.22
N PHE A 311 -15.09 9.33 17.27
CA PHE A 311 -16.51 9.20 17.57
C PHE A 311 -16.80 7.80 18.04
N PHE A 312 -16.22 6.81 17.35
CA PHE A 312 -16.52 5.42 17.67
C PHE A 312 -15.96 5.07 19.03
N LEU A 313 -14.74 5.54 19.31
CA LEU A 313 -14.10 5.21 20.57
C LEU A 313 -14.92 5.76 21.73
N ASN A 314 -15.29 7.03 21.64
CA ASN A 314 -16.12 7.65 22.65
C ASN A 314 -17.41 6.88 22.88
N SER A 315 -18.01 6.42 21.79
CA SER A 315 -19.32 5.77 21.87
C SER A 315 -19.28 4.48 22.68
N ILE A 316 -18.14 3.79 22.65
CA ILE A 316 -18.05 2.55 23.38
C ILE A 316 -17.86 2.82 24.86
N TYR A 317 -17.02 3.80 25.17
CA TYR A 317 -16.62 4.04 26.56
C TYR A 317 -17.73 4.65 27.40
N LYS A 318 -18.66 5.34 26.77
CA LYS A 318 -19.83 5.85 27.47
C LYS A 318 -21.06 5.00 27.20
N SER A 319 -20.93 3.69 27.43
CA SER A 319 -22.05 2.77 27.22
C SER A 319 -22.75 2.41 28.52
N ARG A 320 -22.06 1.93 29.45
#